data_1K0N
#
_entry.id   1K0N
#
_cell.length_a   46.509
_cell.length_b   60.355
_cell.length_c   89.627
_cell.angle_alpha   90.00
_cell.angle_beta   92.50
_cell.angle_gamma   90.00
#
_symmetry.space_group_name_H-M   'P 1 21 1'
#
loop_
_entity.id
_entity.type
_entity.pdbx_description
1 polymer 'CHLORIDE INTRACELLULAR CHANNEL PROTEIN 1'
2 non-polymer GLUTATHIONE
3 water water
#
_entity_poly.entity_id   1
_entity_poly.type   'polypeptide(L)'
_entity_poly.pdbx_seq_one_letter_code
;MAEEQPQVELFVKAGSDGAKIGNCPFSQRLFMVLWLKGVTFNVTTVDTKRRTETVQKLCPGGELPFLLYGTEVHTDTNKI
EEFLEAVLCPPRYPKLAALNPESNTAGLDIFAKFSAYIKNSNPALNDNLEKGLLKALKVLDNYLTSPLPEGVDETSAEDE
GVSQRKFLDGNELTLADCNLLPKLHIVQVVCKKYRGFTIPEAFRGVHRYLSNAYAREEFASTCPDDEEIELAYEQVAKAL
K
;
_entity_poly.pdbx_strand_id   A,B
#
# COMPACT_ATOMS: atom_id res chain seq x y z
N PRO A 6 1.23 -5.04 -3.90
CA PRO A 6 0.71 -6.02 -2.87
C PRO A 6 0.43 -5.26 -1.58
N GLN A 7 -0.82 -5.23 -1.15
CA GLN A 7 -1.25 -4.39 -0.04
C GLN A 7 -0.60 -4.64 1.32
N VAL A 8 -0.04 -3.58 1.91
CA VAL A 8 0.64 -3.67 3.20
C VAL A 8 -0.14 -2.93 4.29
N GLU A 9 -0.46 -3.64 5.37
CA GLU A 9 -1.18 -3.01 6.47
C GLU A 9 -0.59 -3.37 7.82
N LEU A 10 -0.13 -2.35 8.55
CA LEU A 10 0.46 -2.57 9.87
C LEU A 10 -0.57 -2.31 10.97
N PHE A 11 -0.62 -3.19 11.98
CA PHE A 11 -1.59 -3.07 13.09
C PHE A 11 -0.83 -2.75 14.40
N VAL A 12 -1.16 -1.63 15.02
CA VAL A 12 -0.39 -1.20 16.19
C VAL A 12 -1.28 -0.91 17.40
N LYS A 13 -0.65 -0.76 18.57
CA LYS A 13 -1.40 -0.46 19.76
C LYS A 13 -1.90 0.98 19.83
N ALA A 14 -3.19 1.12 20.20
CA ALA A 14 -3.82 2.43 20.39
C ALA A 14 -3.41 3.07 21.72
N GLY A 15 -3.35 4.39 21.76
CA GLY A 15 -2.92 5.08 22.96
C GLY A 15 -4.07 5.31 23.91
N SER A 16 -3.97 6.38 24.69
CA SER A 16 -4.94 6.63 25.77
C SER A 16 -6.41 6.79 25.40
N ASP A 17 -6.69 7.27 24.19
CA ASP A 17 -8.09 7.53 23.82
C ASP A 17 -8.67 6.41 22.96
N GLY A 18 -7.98 5.28 22.90
CA GLY A 18 -8.42 4.18 22.07
C GLY A 18 -8.21 4.42 20.58
N ALA A 19 -7.66 5.57 20.23
CA ALA A 19 -7.53 5.88 18.82
C ALA A 19 -6.16 6.27 18.33
N LYS A 20 -5.50 7.16 19.04
CA LYS A 20 -4.18 7.59 18.63
C LYS A 20 -3.21 6.42 18.61
N ILE A 21 -2.10 6.62 17.94
CA ILE A 21 -1.07 5.58 18.00
C ILE A 21 -0.46 5.57 19.38
N GLY A 22 -0.44 4.39 19.99
CA GLY A 22 0.03 4.26 21.35
C GLY A 22 1.52 4.12 21.57
N ASN A 23 1.92 4.26 22.82
CA ASN A 23 3.32 4.07 23.13
C ASN A 23 3.70 2.61 22.89
N CYS A 24 4.71 2.36 22.06
CA CYS A 24 5.12 0.98 21.82
C CYS A 24 6.34 0.99 20.88
N PRO A 25 7.51 0.66 21.38
CA PRO A 25 8.73 0.76 20.56
C PRO A 25 8.71 -0.21 19.39
N PHE A 26 8.07 -1.36 19.54
CA PHE A 26 7.99 -2.32 18.43
C PHE A 26 7.19 -1.77 17.24
N SER A 27 6.05 -1.13 17.52
CA SER A 27 5.26 -0.56 16.45
C SER A 27 6.06 0.52 15.75
N GLN A 28 6.71 1.36 16.55
CA GLN A 28 7.40 2.49 15.96
C GLN A 28 8.54 1.98 15.10
N ARG A 29 9.21 0.93 15.58
CA ARG A 29 10.30 0.31 14.80
C ARG A 29 9.82 -0.07 13.38
N LEU A 30 8.69 -0.79 13.32
CA LEU A 30 8.14 -1.23 12.04
C LEU A 30 7.64 -0.08 11.20
N PHE A 31 7.04 0.93 11.83
CA PHE A 31 6.63 2.09 11.08
C PHE A 31 7.84 2.69 10.39
N MET A 32 8.95 2.83 11.12
CA MET A 32 10.15 3.41 10.56
C MET A 32 10.71 2.60 9.38
N VAL A 33 10.77 1.28 9.56
CA VAL A 33 11.22 0.40 8.46
C VAL A 33 10.34 0.60 7.22
N LEU A 34 9.02 0.56 7.38
CA LEU A 34 8.12 0.72 6.22
C LEU A 34 8.28 2.09 5.54
N TRP A 35 8.41 3.15 6.32
CA TRP A 35 8.64 4.50 5.76
C TRP A 35 9.97 4.57 5.00
N LEU A 36 11.05 4.06 5.59
CA LEU A 36 12.39 4.08 4.97
C LEU A 36 12.45 3.26 3.67
N LYS A 37 11.66 2.18 3.61
CA LYS A 37 11.54 1.38 2.39
C LYS A 37 10.86 2.16 1.26
N GLY A 38 9.94 3.05 1.61
CA GLY A 38 9.20 3.83 0.62
C GLY A 38 8.01 3.09 0.01
N VAL A 39 7.64 1.96 0.60
CA VAL A 39 6.52 1.17 0.15
C VAL A 39 5.19 1.88 0.50
N THR A 40 4.15 1.66 -0.29
CA THR A 40 2.82 2.17 0.04
C THR A 40 2.25 1.23 1.14
N PHE A 41 1.79 1.79 2.25
CA PHE A 41 1.20 0.99 3.32
C PHE A 41 0.18 1.79 4.11
N ASN A 42 -0.64 1.09 4.91
CA ASN A 42 -1.57 1.75 5.81
C ASN A 42 -1.33 1.29 7.23
N VAL A 43 -1.81 2.07 8.19
CA VAL A 43 -1.72 1.70 9.58
C VAL A 43 -3.11 1.64 10.21
N THR A 44 -3.29 0.76 11.18
CA THR A 44 -4.56 0.60 11.88
C THR A 44 -4.25 0.46 13.38
N THR A 45 -4.94 1.22 14.23
CA THR A 45 -4.70 1.16 15.67
C THR A 45 -5.67 0.19 16.31
N VAL A 46 -5.27 -0.34 17.47
CA VAL A 46 -6.04 -1.36 18.15
C VAL A 46 -6.13 -1.13 19.65
N ASP A 47 -7.35 -0.93 20.13
CA ASP A 47 -7.58 -0.75 21.55
C ASP A 47 -7.66 -2.16 22.18
N THR A 48 -6.52 -2.64 22.66
CA THR A 48 -6.38 -4.02 23.16
C THR A 48 -7.57 -4.56 23.93
N LYS A 49 -8.35 -3.67 24.55
CA LYS A 49 -9.52 -4.14 25.27
C LYS A 49 -10.72 -4.25 24.32
N ARG A 50 -11.02 -3.14 23.67
CA ARG A 50 -12.15 -3.07 22.76
C ARG A 50 -11.71 -3.26 21.31
N ARG A 51 -11.22 -4.45 20.99
CA ARG A 51 -10.80 -4.74 19.62
C ARG A 51 -12.00 -4.93 18.73
N THR A 52 -11.82 -4.72 17.43
CA THR A 52 -12.93 -4.89 16.50
C THR A 52 -13.11 -6.34 16.08
N GLU A 53 -14.30 -6.65 15.61
CA GLU A 53 -14.64 -8.00 15.17
C GLU A 53 -13.62 -8.52 14.17
N THR A 54 -13.29 -7.70 13.18
CA THR A 54 -12.37 -8.08 12.13
C THR A 54 -10.96 -8.40 12.65
N VAL A 55 -10.48 -7.57 13.57
CA VAL A 55 -9.17 -7.79 14.18
C VAL A 55 -9.18 -9.04 15.05
N GLN A 56 -10.29 -9.28 15.74
CA GLN A 56 -10.41 -10.46 16.59
C GLN A 56 -10.24 -11.74 15.79
N LYS A 57 -10.45 -11.63 14.47
CA LYS A 57 -10.36 -12.77 13.56
C LYS A 57 -9.02 -12.91 12.85
N LEU A 58 -8.41 -11.79 12.45
CA LEU A 58 -7.15 -11.85 11.72
C LEU A 58 -6.06 -12.29 12.66
N CYS A 59 -6.23 -11.96 13.93
CA CYS A 59 -5.21 -12.24 14.92
C CYS A 59 -5.88 -12.61 16.24
N PRO A 60 -6.31 -13.87 16.35
CA PRO A 60 -7.01 -14.38 17.55
C PRO A 60 -6.17 -14.41 18.82
N GLY A 61 -4.86 -14.54 18.68
CA GLY A 61 -3.95 -14.59 19.82
C GLY A 61 -3.71 -13.23 20.46
N GLY A 62 -4.11 -12.18 19.77
CA GLY A 62 -4.01 -10.84 20.31
C GLY A 62 -2.59 -10.27 20.27
N GLU A 63 -1.74 -10.84 19.42
CA GLU A 63 -0.38 -10.32 19.29
C GLU A 63 -0.43 -8.96 18.61
N LEU A 64 0.44 -8.05 19.04
CA LEU A 64 0.56 -6.69 18.49
C LEU A 64 2.03 -6.25 18.69
N PRO A 65 2.64 -5.61 17.68
CA PRO A 65 2.01 -5.30 16.40
C PRO A 65 1.88 -6.54 15.54
N PHE A 66 1.13 -6.42 14.47
CA PHE A 66 1.05 -7.47 13.46
C PHE A 66 0.91 -6.85 12.08
N LEU A 67 1.26 -7.60 11.04
CA LEU A 67 1.27 -7.07 9.68
C LEU A 67 0.54 -7.95 8.66
N LEU A 68 -0.32 -7.31 7.90
CA LEU A 68 -1.01 -8.00 6.85
C LEU A 68 -0.30 -7.70 5.54
N TYR A 69 0.09 -8.75 4.82
CA TYR A 69 0.75 -8.61 3.53
C TYR A 69 -0.15 -9.34 2.55
N GLY A 70 -0.96 -8.59 1.81
CA GLY A 70 -1.99 -9.21 0.97
C GLY A 70 -2.98 -9.74 1.97
N THR A 71 -3.27 -11.05 1.94
CA THR A 71 -4.13 -11.64 2.95
C THR A 71 -3.37 -12.46 4.01
N GLU A 72 -2.04 -12.36 4.01
CA GLU A 72 -1.20 -13.13 4.96
C GLU A 72 -0.78 -12.35 6.22
N VAL A 73 -1.12 -12.87 7.39
CA VAL A 73 -0.79 -12.21 8.65
C VAL A 73 0.59 -12.60 9.15
N HIS A 74 1.40 -11.61 9.53
CA HIS A 74 2.72 -11.84 10.09
C HIS A 74 2.78 -11.33 11.54
N THR A 75 3.35 -12.15 12.42
CA THR A 75 3.52 -11.76 13.81
C THR A 75 4.98 -11.84 14.27
N ASP A 76 5.24 -11.17 15.39
CA ASP A 76 6.57 -11.07 16.00
C ASP A 76 7.36 -10.01 15.26
N THR A 77 7.65 -8.92 15.94
CA THR A 77 8.33 -7.79 15.31
C THR A 77 9.62 -8.17 14.58
N ASN A 78 10.48 -8.96 15.23
CA ASN A 78 11.71 -9.43 14.58
C ASN A 78 11.44 -10.13 13.25
N LYS A 79 10.48 -11.04 13.27
CA LYS A 79 10.17 -11.79 12.04
C LYS A 79 9.57 -10.88 10.98
N ILE A 80 8.73 -9.94 11.39
CA ILE A 80 8.16 -9.02 10.42
C ILE A 80 9.26 -8.19 9.78
N GLU A 81 10.18 -7.70 10.60
CA GLU A 81 11.24 -6.88 10.05
C GLU A 81 12.11 -7.65 9.07
N GLU A 82 12.44 -8.88 9.43
CA GLU A 82 13.25 -9.72 8.55
C GLU A 82 12.57 -9.94 7.21
N PHE A 83 11.27 -10.20 7.26
CA PHE A 83 10.43 -10.38 6.09
C PHE A 83 10.46 -9.13 5.22
N LEU A 84 10.13 -7.98 5.81
CA LEU A 84 10.15 -6.74 5.05
C LEU A 84 11.50 -6.47 4.38
N GLU A 85 12.60 -6.67 5.10
CA GLU A 85 13.91 -6.42 4.48
C GLU A 85 14.14 -7.34 3.30
N ALA A 86 13.69 -8.57 3.43
CA ALA A 86 13.87 -9.56 2.36
C ALA A 86 12.98 -9.31 1.15
N VAL A 87 11.73 -8.94 1.38
CA VAL A 87 10.83 -8.81 0.22
C VAL A 87 10.74 -7.42 -0.38
N LEU A 88 10.89 -6.39 0.46
CA LEU A 88 10.94 -5.03 -0.06
C LEU A 88 12.42 -4.76 -0.31
N CYS A 89 12.90 -5.16 -1.50
CA CYS A 89 14.33 -5.09 -1.82
C CYS A 89 14.66 -4.41 -3.14
N PRO A 90 15.93 -4.08 -3.32
CA PRO A 90 16.39 -3.41 -4.53
C PRO A 90 15.96 -4.21 -5.77
N PRO A 91 15.76 -3.57 -6.91
CA PRO A 91 15.96 -2.13 -7.06
C PRO A 91 14.78 -1.22 -6.69
N ARG A 92 13.59 -1.76 -6.47
CA ARG A 92 12.43 -0.92 -6.17
C ARG A 92 12.52 -0.24 -4.78
N TYR A 93 13.09 -0.97 -3.82
CA TYR A 93 13.19 -0.51 -2.42
C TYR A 93 14.59 -0.69 -1.89
N PRO A 94 15.08 0.26 -1.10
CA PRO A 94 16.46 0.22 -0.60
C PRO A 94 16.69 -0.81 0.49
N LYS A 95 17.89 -1.39 0.50
CA LYS A 95 18.34 -2.35 1.51
C LYS A 95 18.59 -1.54 2.78
N LEU A 96 18.01 -1.97 3.90
CA LEU A 96 18.16 -1.16 5.14
C LEU A 96 19.09 -1.75 6.16
N ALA A 97 19.55 -2.99 5.96
CA ALA A 97 20.44 -3.61 6.95
C ALA A 97 21.75 -2.85 7.14
N ALA A 98 22.22 -2.86 8.38
CA ALA A 98 23.51 -2.29 8.72
C ALA A 98 24.63 -3.10 8.08
N LEU A 99 25.74 -2.44 7.86
CA LEU A 99 26.96 -3.07 7.36
C LEU A 99 27.85 -3.61 8.47
N ASN A 100 27.89 -2.88 9.59
CA ASN A 100 28.74 -3.26 10.71
C ASN A 100 27.92 -4.00 11.74
N PRO A 101 28.23 -5.26 11.97
CA PRO A 101 27.46 -6.07 12.90
C PRO A 101 27.27 -5.39 14.24
N GLU A 102 28.28 -4.70 14.76
CA GLU A 102 28.17 -4.06 16.08
C GLU A 102 27.03 -3.04 16.15
N SER A 103 26.65 -2.51 14.99
CA SER A 103 25.59 -1.54 14.94
C SER A 103 24.27 -2.13 15.37
N ASN A 104 24.15 -3.44 15.19
CA ASN A 104 22.89 -4.11 15.52
C ASN A 104 22.74 -4.42 17.00
N THR A 105 23.78 -4.19 17.79
CA THR A 105 23.67 -4.42 19.23
C THR A 105 23.97 -3.19 20.09
N ALA A 106 24.75 -2.27 19.56
CA ALA A 106 25.11 -1.08 20.35
C ALA A 106 23.89 -0.40 20.95
N GLY A 107 23.96 -0.17 22.26
CA GLY A 107 22.94 0.59 22.98
C GLY A 107 21.65 -0.17 23.30
N LEU A 108 21.47 -1.38 22.82
CA LEU A 108 20.19 -2.04 23.09
C LEU A 108 20.05 -2.44 24.56
N ASP A 109 21.15 -2.52 25.29
CA ASP A 109 21.03 -2.83 26.74
C ASP A 109 20.48 -1.66 27.54
N ILE A 110 20.44 -0.47 26.92
CA ILE A 110 20.01 0.72 27.62
C ILE A 110 18.55 0.64 28.07
N PHE A 111 17.71 0.11 27.19
CA PHE A 111 16.28 0.03 27.46
C PHE A 111 16.00 -0.80 28.70
N ALA A 112 16.67 -1.98 28.81
CA ALA A 112 16.47 -2.82 29.99
C ALA A 112 16.94 -2.11 31.28
N LYS A 113 18.08 -1.44 31.17
CA LYS A 113 18.58 -0.71 32.32
C LYS A 113 17.62 0.39 32.72
N PHE A 114 17.06 1.09 31.73
CA PHE A 114 16.08 2.14 32.00
C PHE A 114 14.86 1.59 32.76
N SER A 115 14.38 0.45 32.27
CA SER A 115 13.18 -0.17 32.81
C SER A 115 13.36 -0.45 34.29
N ALA A 116 14.46 -1.14 34.62
CA ALA A 116 14.78 -1.45 36.00
C ALA A 116 14.90 -0.16 36.80
N TYR A 117 15.54 0.84 36.23
CA TYR A 117 15.74 2.13 36.92
C TYR A 117 14.43 2.85 37.24
N ILE A 118 13.49 2.78 36.31
CA ILE A 118 12.28 3.59 36.45
C ILE A 118 11.22 2.89 37.29
N LYS A 119 11.34 1.57 37.45
CA LYS A 119 10.34 0.82 38.20
C LYS A 119 10.74 0.78 39.67
N ASN A 120 12.03 0.98 39.95
CA ASN A 120 12.48 0.98 41.33
C ASN A 120 12.05 2.25 42.05
N SER A 121 11.70 2.16 43.33
CA SER A 121 11.28 3.33 44.10
C SER A 121 12.15 3.55 45.31
N ASN A 122 13.08 2.64 45.55
CA ASN A 122 13.89 2.81 46.76
C ASN A 122 15.16 3.62 46.46
N PRO A 123 15.36 4.72 47.17
CA PRO A 123 16.52 5.57 46.84
C PRO A 123 17.85 4.87 47.07
N ALA A 124 17.91 3.88 47.94
CA ALA A 124 19.18 3.21 48.18
C ALA A 124 19.61 2.49 46.95
N LEU A 125 18.66 1.97 46.20
CA LEU A 125 18.99 1.18 45.01
C LEU A 125 19.08 2.10 43.78
N ASN A 126 18.40 3.22 43.84
CA ASN A 126 18.46 4.16 42.71
C ASN A 126 19.88 4.59 42.42
N ASP A 127 20.72 4.75 43.43
CA ASP A 127 22.09 5.16 43.15
C ASP A 127 22.78 4.22 42.17
N ASN A 128 22.68 2.93 42.46
CA ASN A 128 23.27 1.92 41.61
C ASN A 128 22.61 1.77 40.21
N LEU A 129 21.29 1.81 40.16
CA LEU A 129 20.61 1.65 38.87
C LEU A 129 20.87 2.84 37.93
N GLU A 130 20.91 4.03 38.50
CA GLU A 130 21.21 5.22 37.72
C GLU A 130 22.63 5.12 37.16
N LYS A 131 23.59 4.73 37.99
CA LYS A 131 24.94 4.59 37.46
C LYS A 131 25.03 3.55 36.34
N GLY A 132 24.28 2.46 36.45
CA GLY A 132 24.33 1.44 35.41
C GLY A 132 23.72 1.98 34.13
N LEU A 133 22.70 2.80 34.29
CA LEU A 133 22.08 3.41 33.10
C LEU A 133 23.08 4.37 32.45
N LEU A 134 23.75 5.15 33.29
CA LEU A 134 24.74 6.08 32.73
C LEU A 134 25.87 5.36 32.02
N LYS A 135 26.28 4.23 32.57
CA LYS A 135 27.36 3.42 32.00
C LYS A 135 26.98 2.89 30.63
N ALA A 136 25.74 2.41 30.54
CA ALA A 136 25.23 1.93 29.25
C ALA A 136 25.12 3.06 28.24
N LEU A 137 24.71 4.25 28.69
CA LEU A 137 24.68 5.40 27.78
C LEU A 137 26.09 5.74 27.29
N LYS A 138 27.07 5.65 28.20
CA LYS A 138 28.44 5.95 27.84
C LYS A 138 28.97 4.97 26.81
N VAL A 139 28.62 3.69 26.95
CA VAL A 139 29.09 2.68 26.02
C VAL A 139 28.58 3.01 24.62
N LEU A 140 27.30 3.38 24.54
CA LEU A 140 26.73 3.79 23.25
C LEU A 140 27.41 5.06 22.71
N ASP A 141 27.69 5.99 23.59
CA ASP A 141 28.37 7.22 23.21
C ASP A 141 29.74 6.91 22.61
N ASN A 142 30.45 5.97 23.21
CA ASN A 142 31.76 5.58 22.64
C ASN A 142 31.61 4.92 21.27
N TYR A 143 30.54 4.15 21.09
CA TYR A 143 30.30 3.52 19.79
C TYR A 143 30.08 4.63 18.75
N LEU A 144 29.31 5.65 19.12
CA LEU A 144 28.99 6.72 18.17
C LEU A 144 30.14 7.68 17.84
N THR A 145 31.11 7.78 18.72
CA THR A 145 32.16 8.75 18.49
C THR A 145 33.36 8.06 17.85
N SER A 146 33.39 6.74 17.95
CA SER A 146 34.51 5.98 17.37
C SER A 146 34.25 5.66 15.91
N PRO A 147 35.28 5.69 15.07
CA PRO A 147 35.09 5.37 13.64
C PRO A 147 34.57 3.96 13.50
N LEU A 148 33.82 3.69 12.44
CA LEU A 148 33.32 2.35 12.21
C LEU A 148 34.36 1.61 11.33
N PRO A 149 34.47 0.32 11.51
CA PRO A 149 35.34 -0.50 10.65
C PRO A 149 34.99 -0.43 9.14
N GLU A 150 33.71 -0.56 8.83
CA GLU A 150 33.23 -0.59 7.44
C GLU A 150 32.42 0.64 7.05
N GLY A 151 32.54 1.10 5.81
CA GLY A 151 31.76 2.26 5.41
C GLY A 151 32.57 3.29 4.65
N VAL A 152 32.17 3.56 3.42
CA VAL A 152 32.91 4.46 2.55
C VAL A 152 32.65 5.92 2.96
N SER A 163 34.71 9.68 15.02
CA SER A 163 33.65 9.67 14.01
C SER A 163 32.73 10.90 14.12
N GLN A 164 32.17 11.26 12.98
CA GLN A 164 31.27 12.39 12.82
C GLN A 164 30.00 11.94 12.12
N ARG A 165 29.84 10.65 11.84
CA ARG A 165 28.67 10.17 11.10
C ARG A 165 27.34 10.47 11.82
N LYS A 166 26.26 10.53 11.08
CA LYS A 166 24.98 10.85 11.73
C LYS A 166 24.34 9.79 12.60
N PHE A 167 24.38 8.55 12.13
CA PHE A 167 23.61 7.47 12.75
C PHE A 167 24.48 6.29 13.20
N LEU A 168 23.84 5.21 13.66
CA LEU A 168 24.59 4.10 14.19
C LEU A 168 25.65 3.55 13.26
N ASP A 169 25.26 3.39 12.01
CA ASP A 169 26.07 2.65 11.03
C ASP A 169 26.69 3.47 9.90
N GLY A 170 26.55 4.79 9.93
CA GLY A 170 27.03 5.62 8.84
C GLY A 170 26.04 6.77 8.73
N ASN A 171 25.88 7.33 7.53
CA ASN A 171 25.04 8.53 7.44
C ASN A 171 23.59 8.31 7.01
N GLU A 172 23.19 7.06 6.82
CA GLU A 172 21.82 6.75 6.45
C GLU A 172 21.20 5.96 7.58
N LEU A 173 19.88 6.09 7.76
CA LEU A 173 19.22 5.30 8.79
C LEU A 173 19.16 3.86 8.30
N THR A 174 19.43 2.95 9.23
CA THR A 174 19.35 1.53 8.95
C THR A 174 18.36 0.85 9.90
N LEU A 175 18.18 -0.46 9.74
CA LEU A 175 17.31 -1.24 10.63
C LEU A 175 17.74 -1.09 12.07
N ALA A 176 19.04 -0.97 12.27
CA ALA A 176 19.54 -0.83 13.64
C ALA A 176 18.95 0.42 14.31
N ASP A 177 18.91 1.54 13.59
CA ASP A 177 18.35 2.76 14.17
C ASP A 177 16.86 2.63 14.41
N CYS A 178 16.20 1.81 13.60
CA CYS A 178 14.75 1.71 13.76
C CYS A 178 14.40 1.02 15.06
N ASN A 179 15.30 0.15 15.51
CA ASN A 179 15.09 -0.55 16.80
C ASN A 179 15.44 0.36 17.98
N LEU A 180 16.61 0.97 17.91
CA LEU A 180 17.15 1.75 19.02
C LEU A 180 16.49 3.13 19.23
N LEU A 181 16.24 3.87 18.15
CA LEU A 181 15.71 5.22 18.34
C LEU A 181 14.39 5.31 19.11
N PRO A 182 13.41 4.51 18.75
CA PRO A 182 12.16 4.55 19.53
C PRO A 182 12.42 4.27 21.02
N LYS A 183 13.35 3.36 21.34
CA LYS A 183 13.60 3.07 22.77
C LYS A 183 14.30 4.23 23.49
N LEU A 184 15.32 4.79 22.87
CA LEU A 184 16.01 5.92 23.47
C LEU A 184 15.07 7.09 23.66
N HIS A 185 14.14 7.25 22.72
CA HIS A 185 13.20 8.35 22.83
C HIS A 185 12.35 8.17 24.09
N ILE A 186 11.87 6.95 24.29
CA ILE A 186 11.09 6.63 25.50
C ILE A 186 11.91 6.87 26.75
N VAL A 187 13.16 6.42 26.76
CA VAL A 187 14.06 6.63 27.91
C VAL A 187 14.14 8.12 28.25
N GLN A 188 14.41 8.94 27.24
CA GLN A 188 14.42 10.39 27.43
C GLN A 188 13.14 10.98 27.99
N VAL A 189 12.02 10.72 27.32
CA VAL A 189 10.76 11.29 27.73
C VAL A 189 10.38 10.84 29.15
N VAL A 190 10.50 9.55 29.42
CA VAL A 190 10.10 9.02 30.72
C VAL A 190 11.03 9.46 31.84
N CYS A 191 12.34 9.38 31.60
CA CYS A 191 13.30 9.78 32.62
C CYS A 191 13.17 11.27 32.99
N LYS A 192 12.97 12.12 32.00
CA LYS A 192 12.87 13.56 32.29
C LYS A 192 11.62 13.83 33.15
N LYS A 193 10.49 13.26 32.74
CA LYS A 193 9.22 13.52 33.44
C LYS A 193 9.17 12.97 34.86
N TYR A 194 9.54 11.71 35.01
CA TYR A 194 9.38 11.05 36.30
C TYR A 194 10.55 11.20 37.24
N ARG A 195 11.74 11.51 36.72
CA ARG A 195 12.91 11.64 37.59
C ARG A 195 13.73 12.92 37.43
N GLY A 196 13.33 13.76 36.48
CA GLY A 196 14.09 14.96 36.15
C GLY A 196 15.49 14.59 35.70
N PHE A 197 15.61 13.41 35.07
CA PHE A 197 16.91 12.92 34.66
C PHE A 197 17.07 13.21 33.18
N THR A 198 18.24 13.70 32.82
CA THR A 198 18.53 13.91 31.38
C THR A 198 19.81 13.25 31.00
N ILE A 199 19.90 12.85 29.75
CA ILE A 199 21.14 12.26 29.28
C ILE A 199 22.20 13.34 29.37
N PRO A 200 23.27 13.05 30.06
CA PRO A 200 24.31 14.06 30.29
C PRO A 200 24.74 14.76 29.01
N GLU A 201 24.91 16.08 29.07
CA GLU A 201 25.35 16.80 27.89
C GLU A 201 26.79 16.41 27.52
N ALA A 202 27.50 15.84 28.49
CA ALA A 202 28.85 15.33 28.26
C ALA A 202 28.90 14.26 27.16
N PHE A 203 27.79 13.56 26.98
CA PHE A 203 27.70 12.52 25.98
C PHE A 203 27.32 13.08 24.60
N ARG A 204 28.31 13.62 23.89
CA ARG A 204 28.08 14.27 22.59
C ARG A 204 27.68 13.36 21.48
N GLY A 205 28.21 12.15 21.50
CA GLY A 205 27.83 11.18 20.47
C GLY A 205 26.33 10.89 20.59
N VAL A 206 25.86 10.65 21.80
CA VAL A 206 24.44 10.35 21.99
C VAL A 206 23.59 11.57 21.66
N HIS A 207 23.95 12.75 22.12
CA HIS A 207 23.12 13.92 21.82
C HIS A 207 23.08 14.28 20.33
N ARG A 208 24.18 14.09 19.61
CA ARG A 208 24.20 14.42 18.19
C ARG A 208 23.34 13.42 17.42
N TYR A 209 23.44 12.14 17.81
CA TYR A 209 22.61 11.08 17.24
C TYR A 209 21.15 11.43 17.42
N LEU A 210 20.73 11.76 18.66
CA LEU A 210 19.34 12.10 18.89
C LEU A 210 18.93 13.36 18.12
N SER A 211 19.83 14.35 18.02
CA SER A 211 19.51 15.58 17.26
C SER A 211 19.35 15.27 15.77
N ASN A 212 20.25 14.46 15.26
CA ASN A 212 20.22 14.07 13.84
C ASN A 212 18.95 13.26 13.54
N ALA A 213 18.57 12.39 14.46
CA ALA A 213 17.38 11.56 14.33
C ALA A 213 16.13 12.41 14.41
N TYR A 214 16.07 13.36 15.35
CA TYR A 214 14.92 14.26 15.46
C TYR A 214 14.67 15.08 14.20
N ALA A 215 15.74 15.35 13.45
CA ALA A 215 15.64 16.16 12.25
C ALA A 215 15.06 15.38 11.07
N ARG A 216 14.91 14.07 11.28
CA ARG A 216 14.41 13.16 10.24
C ARG A 216 12.95 12.85 10.49
N GLU A 217 12.11 13.15 9.51
CA GLU A 217 10.68 12.91 9.66
C GLU A 217 10.37 11.47 10.01
N GLU A 218 11.10 10.51 9.44
CA GLU A 218 10.82 9.11 9.69
C GLU A 218 10.83 8.76 11.18
N PHE A 219 11.66 9.45 11.94
CA PHE A 219 11.72 9.22 13.38
C PHE A 219 10.74 10.19 14.10
N ALA A 220 10.89 11.47 13.84
CA ALA A 220 10.11 12.48 14.57
C ALA A 220 8.62 12.26 14.43
N SER A 221 8.21 11.98 13.21
CA SER A 221 6.80 11.83 12.94
C SER A 221 6.19 10.52 13.42
N THR A 222 7.02 9.53 13.74
CA THR A 222 6.48 8.26 14.21
C THR A 222 6.52 8.15 15.74
N CYS A 223 6.99 9.19 16.42
CA CYS A 223 6.96 9.18 17.89
C CYS A 223 5.54 9.53 18.35
N PRO A 224 4.98 8.66 19.31
CA PRO A 224 3.73 9.09 19.93
C PRO A 224 4.00 10.43 20.61
N ASP A 225 3.01 11.27 20.89
CA ASP A 225 3.28 12.51 21.57
C ASP A 225 3.76 12.21 23.01
N ASP A 226 4.50 13.14 23.57
CA ASP A 226 5.08 12.98 24.91
C ASP A 226 4.04 12.58 25.95
N GLU A 227 2.83 13.12 25.81
CA GLU A 227 1.79 12.87 26.83
C GLU A 227 1.39 11.41 26.82
N GLU A 228 1.25 10.86 25.62
CA GLU A 228 0.95 9.45 25.47
C GLU A 228 2.04 8.61 26.09
N ILE A 229 3.32 8.96 25.82
CA ILE A 229 4.43 8.17 26.37
C ILE A 229 4.44 8.22 27.92
N GLU A 230 4.37 9.41 28.48
CA GLU A 230 4.26 9.53 29.94
C GLU A 230 3.12 8.73 30.54
N LEU A 231 1.95 8.81 29.92
CA LEU A 231 0.74 8.19 30.47
C LEU A 231 0.89 6.69 30.37
N ALA A 232 1.55 6.23 29.31
CA ALA A 232 1.86 4.82 29.16
C ALA A 232 2.70 4.27 30.31
N TYR A 233 3.46 5.16 30.95
CA TYR A 233 4.33 4.75 32.06
C TYR A 233 3.79 5.07 33.45
N GLU A 234 2.60 5.64 33.49
CA GLU A 234 2.00 6.04 34.78
C GLU A 234 1.95 4.93 35.84
N GLN A 235 1.70 3.71 35.41
CA GLN A 235 1.63 2.59 36.34
C GLN A 235 2.84 1.69 36.26
N VAL A 236 3.95 2.23 35.77
CA VAL A 236 5.21 1.51 35.66
C VAL A 236 6.27 2.29 36.40
N ALA A 237 6.36 3.57 36.07
CA ALA A 237 7.34 4.48 36.63
C ALA A 237 6.99 4.84 38.05
N LYS A 238 8.00 4.90 38.92
CA LYS A 238 7.80 5.25 40.34
C LYS A 238 8.63 6.46 40.70
N ALA A 239 8.13 7.30 41.61
CA ALA A 239 8.96 8.37 42.12
C ALA A 239 9.79 7.70 43.22
N LEU A 240 11.02 8.15 43.40
CA LEU A 240 11.81 7.66 44.52
C LEU A 240 11.17 8.23 45.74
N LYS A 241 10.92 7.38 46.74
CA LYS A 241 10.36 7.81 47.99
C LYS A 241 11.43 8.58 48.75
N PRO B 6 -29.74 -21.72 -19.56
CA PRO B 6 -29.60 -21.31 -20.99
C PRO B 6 -28.13 -21.14 -21.38
N GLN B 7 -27.76 -21.59 -22.57
CA GLN B 7 -26.38 -21.50 -23.04
C GLN B 7 -25.90 -20.06 -23.10
N VAL B 8 -24.74 -19.82 -22.48
CA VAL B 8 -24.16 -18.49 -22.49
C VAL B 8 -22.71 -18.57 -22.96
N GLU B 9 -22.46 -18.00 -24.13
CA GLU B 9 -21.13 -17.98 -24.72
C GLU B 9 -20.79 -16.52 -25.04
N LEU B 10 -19.77 -15.98 -24.39
CA LEU B 10 -19.32 -14.62 -24.68
C LEU B 10 -18.24 -14.73 -25.75
N PHE B 11 -18.43 -14.02 -26.86
CA PHE B 11 -17.46 -14.02 -27.93
C PHE B 11 -16.62 -12.75 -27.88
N VAL B 12 -15.31 -12.92 -27.77
CA VAL B 12 -14.44 -11.76 -27.65
C VAL B 12 -13.35 -11.75 -28.70
N LYS B 13 -12.67 -10.61 -28.80
CA LYS B 13 -11.62 -10.50 -29.78
C LYS B 13 -10.46 -11.36 -29.37
N ALA B 14 -9.85 -12.07 -30.32
CA ALA B 14 -8.65 -12.84 -30.03
C ALA B 14 -7.43 -11.93 -30.13
N GLY B 15 -6.37 -12.30 -29.41
CA GLY B 15 -5.14 -11.53 -29.39
C GLY B 15 -4.18 -11.79 -30.54
N SER B 16 -2.93 -11.45 -30.28
CA SER B 16 -1.86 -11.52 -31.28
C SER B 16 -1.66 -12.89 -31.91
N ASP B 17 -1.96 -13.94 -31.15
CA ASP B 17 -1.74 -15.28 -31.63
C ASP B 17 -2.97 -15.89 -32.29
N GLY B 18 -4.09 -15.18 -32.21
CA GLY B 18 -5.34 -15.63 -32.80
C GLY B 18 -6.15 -16.56 -31.93
N ALA B 19 -5.68 -16.80 -30.70
CA ALA B 19 -6.38 -17.71 -29.79
C ALA B 19 -6.59 -17.11 -28.40
N LYS B 20 -5.57 -16.44 -27.87
CA LYS B 20 -5.71 -15.86 -26.54
C LYS B 20 -6.57 -14.61 -26.59
N ILE B 21 -7.11 -14.24 -25.43
CA ILE B 21 -7.93 -13.04 -25.34
C ILE B 21 -7.11 -11.80 -25.67
N GLY B 22 -7.67 -10.96 -26.54
CA GLY B 22 -6.98 -9.76 -26.97
C GLY B 22 -7.34 -8.55 -26.14
N ASN B 23 -6.74 -7.43 -26.49
CA ASN B 23 -7.03 -6.19 -25.81
C ASN B 23 -8.37 -5.66 -26.29
N CYS B 24 -9.28 -5.41 -25.37
CA CYS B 24 -10.59 -4.87 -25.68
C CYS B 24 -11.33 -4.65 -24.37
N PRO B 25 -11.39 -3.40 -23.95
CA PRO B 25 -12.01 -3.06 -22.66
C PRO B 25 -13.50 -3.48 -22.65
N PHE B 26 -14.16 -3.42 -23.80
CA PHE B 26 -15.55 -3.80 -23.88
C PHE B 26 -15.70 -5.29 -23.57
N SER B 27 -14.81 -6.10 -24.13
CA SER B 27 -14.81 -7.54 -23.84
C SER B 27 -14.62 -7.78 -22.33
N GLN B 28 -13.60 -7.15 -21.77
CA GLN B 28 -13.29 -7.37 -20.36
C GLN B 28 -14.45 -6.96 -19.45
N ARG B 29 -15.06 -5.83 -19.77
CA ARG B 29 -16.20 -5.32 -19.03
C ARG B 29 -17.35 -6.34 -18.89
N LEU B 30 -17.77 -6.92 -20.01
CA LEU B 30 -18.85 -7.92 -19.97
C LEU B 30 -18.43 -9.20 -19.26
N PHE B 31 -17.17 -9.59 -19.48
CA PHE B 31 -16.60 -10.77 -18.85
C PHE B 31 -16.68 -10.60 -17.33
N MET B 32 -16.40 -9.39 -16.83
CA MET B 32 -16.51 -9.10 -15.39
C MET B 32 -17.95 -9.11 -14.86
N VAL B 33 -18.87 -8.50 -15.60
CA VAL B 33 -20.25 -8.42 -15.16
C VAL B 33 -20.80 -9.82 -14.97
N LEU B 34 -20.46 -10.71 -15.88
CA LEU B 34 -20.93 -12.08 -15.82
C LEU B 34 -20.30 -12.82 -14.66
N TRP B 35 -19.11 -12.38 -14.25
CA TRP B 35 -18.46 -13.00 -13.10
C TRP B 35 -19.11 -12.47 -11.85
N LEU B 36 -19.37 -11.17 -11.82
CA LEU B 36 -19.98 -10.53 -10.65
C LEU B 36 -21.43 -10.94 -10.41
N LYS B 37 -22.13 -11.34 -11.48
CA LYS B 37 -23.52 -11.78 -11.36
C LYS B 37 -23.61 -13.18 -10.71
N GLY B 38 -22.67 -14.06 -11.06
CA GLY B 38 -22.65 -15.40 -10.48
C GLY B 38 -23.24 -16.50 -11.35
N VAL B 39 -23.71 -16.11 -12.51
CA VAL B 39 -24.30 -17.04 -13.47
C VAL B 39 -23.22 -17.90 -14.10
N THR B 40 -23.62 -18.99 -14.76
CA THR B 40 -22.67 -19.88 -15.42
C THR B 40 -22.45 -19.49 -16.88
N PHE B 41 -21.20 -19.47 -17.36
CA PHE B 41 -20.93 -19.08 -18.76
C PHE B 41 -19.58 -19.54 -19.36
N ASN B 42 -19.45 -19.41 -20.68
CA ASN B 42 -18.21 -19.76 -21.38
C ASN B 42 -17.68 -18.54 -22.15
N VAL B 43 -16.38 -18.53 -22.46
CA VAL B 43 -15.80 -17.44 -23.26
C VAL B 43 -15.03 -17.96 -24.48
N THR B 44 -15.38 -17.48 -25.66
CA THR B 44 -14.76 -17.93 -26.90
C THR B 44 -14.12 -16.77 -27.65
N THR B 45 -12.86 -16.92 -28.05
CA THR B 45 -12.18 -15.84 -28.75
C THR B 45 -12.34 -16.00 -30.25
N VAL B 46 -12.42 -14.87 -30.94
CA VAL B 46 -12.52 -14.93 -32.40
C VAL B 46 -11.43 -14.08 -33.03
N ASP B 47 -10.75 -14.67 -34.01
CA ASP B 47 -9.74 -13.98 -34.79
C ASP B 47 -10.51 -13.25 -35.90
N THR B 48 -10.54 -11.92 -35.83
CA THR B 48 -11.30 -11.12 -36.78
C THR B 48 -11.01 -11.48 -38.23
N LYS B 49 -9.83 -11.98 -38.50
CA LYS B 49 -9.47 -12.35 -39.88
C LYS B 49 -9.79 -13.80 -40.22
N ARG B 50 -10.13 -14.59 -39.21
CA ARG B 50 -10.40 -16.00 -39.40
C ARG B 50 -11.53 -16.51 -38.53
N ARG B 51 -12.73 -15.95 -38.71
CA ARG B 51 -13.86 -16.34 -37.91
C ARG B 51 -14.37 -17.75 -38.23
N THR B 52 -14.99 -18.40 -37.26
CA THR B 52 -15.52 -19.74 -37.47
C THR B 52 -16.81 -19.65 -38.26
N GLU B 53 -17.06 -20.67 -39.08
CA GLU B 53 -18.28 -20.71 -39.87
C GLU B 53 -19.44 -20.52 -38.91
N THR B 54 -19.28 -21.06 -37.71
CA THR B 54 -20.30 -20.97 -36.68
C THR B 54 -20.52 -19.53 -36.24
N VAL B 55 -19.43 -18.79 -36.03
CA VAL B 55 -19.53 -17.42 -35.59
C VAL B 55 -20.01 -16.49 -36.71
N GLN B 56 -19.63 -16.81 -37.94
CA GLN B 56 -20.05 -16.02 -39.10
C GLN B 56 -21.56 -16.14 -39.30
N LYS B 57 -22.14 -17.24 -38.82
CA LYS B 57 -23.59 -17.43 -38.91
C LYS B 57 -24.29 -16.78 -37.72
N LEU B 58 -23.70 -16.94 -36.54
CA LEU B 58 -24.25 -16.39 -35.31
C LEU B 58 -24.22 -14.87 -35.35
N CYS B 59 -23.15 -14.34 -35.92
CA CYS B 59 -22.95 -12.90 -35.98
C CYS B 59 -22.47 -12.50 -37.37
N PRO B 60 -23.39 -12.48 -38.32
CA PRO B 60 -23.03 -12.21 -39.71
C PRO B 60 -22.40 -10.85 -39.95
N GLY B 61 -22.77 -9.84 -39.16
CA GLY B 61 -22.26 -8.49 -39.34
C GLY B 61 -20.90 -8.24 -38.73
N GLY B 62 -20.53 -9.02 -37.72
CA GLY B 62 -19.22 -8.86 -37.13
C GLY B 62 -19.16 -8.00 -35.88
N GLU B 63 -20.30 -7.75 -35.25
CA GLU B 63 -20.26 -7.04 -33.97
C GLU B 63 -19.52 -7.91 -32.95
N LEU B 64 -18.58 -7.32 -32.23
CA LEU B 64 -17.80 -8.05 -31.24
C LEU B 64 -17.45 -7.01 -30.20
N PRO B 65 -17.61 -7.33 -28.93
CA PRO B 65 -18.08 -8.65 -28.47
C PRO B 65 -19.57 -8.83 -28.73
N PHE B 66 -20.05 -10.07 -28.64
CA PHE B 66 -21.48 -10.33 -28.73
C PHE B 66 -21.83 -11.41 -27.74
N LEU B 67 -23.09 -11.45 -27.31
CA LEU B 67 -23.53 -12.39 -26.28
C LEU B 67 -24.64 -13.29 -26.81
N LEU B 68 -24.57 -14.56 -26.44
CA LEU B 68 -25.61 -15.52 -26.78
C LEU B 68 -26.27 -15.85 -25.46
N TYR B 69 -27.59 -15.66 -25.40
CA TYR B 69 -28.40 -16.00 -24.24
C TYR B 69 -29.44 -16.98 -24.78
N GLY B 70 -29.14 -18.28 -24.63
CA GLY B 70 -30.00 -19.31 -25.19
C GLY B 70 -29.72 -19.40 -26.68
N THR B 71 -30.64 -18.87 -27.47
CA THR B 71 -30.56 -18.89 -28.91
C THR B 71 -30.53 -17.47 -29.47
N GLU B 72 -30.77 -16.48 -28.60
CA GLU B 72 -30.85 -15.07 -29.01
C GLU B 72 -29.51 -14.36 -28.83
N VAL B 73 -29.05 -13.69 -29.87
CA VAL B 73 -27.78 -13.00 -29.82
C VAL B 73 -27.98 -11.51 -29.54
N HIS B 74 -27.23 -10.98 -28.59
CA HIS B 74 -27.28 -9.56 -28.30
C HIS B 74 -25.97 -8.90 -28.69
N THR B 75 -26.06 -7.72 -29.30
CA THR B 75 -24.88 -6.95 -29.64
C THR B 75 -24.95 -5.58 -28.97
N ASP B 76 -23.85 -4.85 -29.04
CA ASP B 76 -23.68 -3.55 -28.38
C ASP B 76 -23.42 -3.72 -26.90
N THR B 77 -22.21 -3.36 -26.48
CA THR B 77 -21.80 -3.58 -25.10
C THR B 77 -22.77 -3.00 -24.07
N ASN B 78 -23.14 -1.73 -24.24
CA ASN B 78 -24.07 -1.10 -23.32
C ASN B 78 -25.39 -1.86 -23.20
N LYS B 79 -25.98 -2.20 -24.34
CA LYS B 79 -27.25 -2.93 -24.33
C LYS B 79 -27.14 -4.28 -23.65
N ILE B 80 -26.04 -5.00 -23.90
CA ILE B 80 -25.83 -6.29 -23.27
C ILE B 80 -25.79 -6.12 -21.76
N GLU B 81 -25.10 -5.08 -21.30
CA GLU B 81 -24.98 -4.87 -19.86
C GLU B 81 -26.33 -4.59 -19.19
N GLU B 82 -27.12 -3.69 -19.75
CA GLU B 82 -28.42 -3.33 -19.19
C GLU B 82 -29.32 -4.56 -19.14
N PHE B 83 -29.23 -5.36 -20.20
CA PHE B 83 -29.98 -6.60 -20.30
C PHE B 83 -29.56 -7.51 -19.15
N LEU B 84 -28.28 -7.84 -19.10
CA LEU B 84 -27.75 -8.70 -18.03
C LEU B 84 -28.20 -8.21 -16.66
N GLU B 85 -28.14 -6.90 -16.44
CA GLU B 85 -28.54 -6.33 -15.16
C GLU B 85 -30.04 -6.50 -14.92
N ALA B 86 -30.80 -6.61 -15.99
CA ALA B 86 -32.24 -6.75 -15.85
C ALA B 86 -32.71 -8.19 -15.69
N VAL B 87 -32.12 -9.11 -16.44
CA VAL B 87 -32.56 -10.50 -16.42
C VAL B 87 -31.87 -11.33 -15.33
N LEU B 88 -30.84 -10.74 -14.73
CA LEU B 88 -30.14 -11.39 -13.63
C LEU B 88 -30.29 -10.52 -12.40
N CYS B 89 -31.42 -10.66 -11.73
CA CYS B 89 -31.70 -9.90 -10.52
C CYS B 89 -31.90 -10.84 -9.35
N PRO B 90 -32.00 -10.27 -8.14
CA PRO B 90 -32.21 -11.06 -6.93
C PRO B 90 -33.45 -11.94 -7.01
N PRO B 91 -33.58 -12.88 -6.08
CA PRO B 91 -32.57 -13.12 -5.04
C PRO B 91 -31.37 -13.93 -5.55
N ARG B 92 -31.50 -14.46 -6.76
CA ARG B 92 -30.44 -15.27 -7.37
C ARG B 92 -29.13 -14.50 -7.54
N TYR B 93 -29.21 -13.39 -8.26
CA TYR B 93 -28.03 -12.58 -8.59
C TYR B 93 -28.17 -11.17 -8.01
N PRO B 94 -27.07 -10.59 -7.57
CA PRO B 94 -27.09 -9.24 -6.97
C PRO B 94 -27.28 -8.09 -7.96
N LYS B 95 -27.98 -7.05 -7.51
CA LYS B 95 -28.12 -5.82 -8.31
C LYS B 95 -26.74 -5.17 -8.30
N LEU B 96 -26.30 -4.70 -9.47
CA LEU B 96 -24.96 -4.12 -9.56
C LEU B 96 -24.94 -2.63 -9.87
N ALA B 97 -26.03 -2.11 -10.39
CA ALA B 97 -26.10 -0.68 -10.68
C ALA B 97 -25.64 0.11 -9.46
N ALA B 98 -24.88 1.17 -9.70
CA ALA B 98 -24.40 2.03 -8.62
C ALA B 98 -25.55 2.83 -8.01
N LEU B 99 -25.39 3.23 -6.75
CA LEU B 99 -26.42 3.99 -6.06
C LEU B 99 -26.23 5.49 -6.21
N ASN B 100 -25.11 5.89 -6.78
CA ASN B 100 -24.83 7.31 -6.99
C ASN B 100 -24.55 7.61 -8.46
N PRO B 101 -25.41 8.42 -9.09
CA PRO B 101 -25.23 8.79 -10.49
C PRO B 101 -23.82 9.26 -10.79
N GLU B 102 -23.17 9.89 -9.81
CA GLU B 102 -21.80 10.40 -9.97
C GLU B 102 -20.82 9.25 -10.20
N SER B 103 -21.15 8.10 -9.60
CA SER B 103 -20.34 6.90 -9.66
C SER B 103 -20.27 6.35 -11.08
N ASN B 104 -21.35 6.55 -11.83
CA ASN B 104 -21.45 6.05 -13.19
C ASN B 104 -20.80 6.95 -14.23
N THR B 105 -20.37 8.15 -13.81
CA THR B 105 -19.74 9.08 -14.75
C THR B 105 -18.33 9.46 -14.34
N ALA B 106 -17.97 9.14 -13.11
CA ALA B 106 -16.66 9.50 -12.61
C ALA B 106 -15.55 8.88 -13.47
N GLY B 107 -14.61 9.72 -13.90
CA GLY B 107 -13.48 9.23 -14.69
C GLY B 107 -13.80 8.69 -16.08
N LEU B 108 -14.98 8.97 -16.60
CA LEU B 108 -15.33 8.50 -17.92
C LEU B 108 -14.53 9.22 -19.00
N ASP B 109 -14.07 10.43 -18.72
CA ASP B 109 -13.35 11.17 -19.74
C ASP B 109 -11.88 10.74 -19.86
N ILE B 110 -11.43 9.90 -18.94
CA ILE B 110 -10.02 9.55 -18.88
C ILE B 110 -9.49 8.85 -20.11
N PHE B 111 -10.24 7.88 -20.61
CA PHE B 111 -9.78 7.10 -21.75
C PHE B 111 -9.56 8.00 -22.95
N ALA B 112 -10.52 8.86 -23.25
CA ALA B 112 -10.38 9.77 -24.39
C ALA B 112 -9.13 10.64 -24.30
N LYS B 113 -8.92 11.23 -23.13
CA LYS B 113 -7.76 12.09 -22.95
C LYS B 113 -6.46 11.30 -23.13
N PHE B 114 -6.46 10.07 -22.64
CA PHE B 114 -5.29 9.20 -22.74
C PHE B 114 -5.01 8.93 -24.21
N SER B 115 -6.08 8.74 -24.96
CA SER B 115 -5.97 8.40 -26.36
C SER B 115 -5.31 9.53 -27.10
N ALA B 116 -5.74 10.76 -26.82
CA ALA B 116 -5.20 11.92 -27.50
C ALA B 116 -3.74 12.13 -27.14
N TYR B 117 -3.45 11.95 -25.86
CA TYR B 117 -2.11 12.11 -25.33
C TYR B 117 -1.12 11.11 -25.91
N ILE B 118 -1.55 9.88 -26.08
CA ILE B 118 -0.64 8.82 -26.55
C ILE B 118 -0.43 8.76 -28.08
N LYS B 119 -1.36 9.30 -28.86
CA LYS B 119 -1.20 9.31 -30.33
C LYS B 119 -0.39 10.50 -30.86
N ASN B 120 -0.20 11.53 -30.03
CA ASN B 120 0.60 12.68 -30.45
C ASN B 120 2.10 12.44 -30.39
N SER B 121 2.84 12.93 -31.39
CA SER B 121 4.28 12.79 -31.41
C SER B 121 5.00 14.12 -31.28
N ASN B 122 4.25 15.22 -31.26
CA ASN B 122 4.87 16.53 -31.20
C ASN B 122 5.13 17.02 -29.78
N PRO B 123 6.40 17.14 -29.44
CA PRO B 123 6.79 17.54 -28.09
C PRO B 123 6.06 18.82 -27.69
N ALA B 124 6.09 19.81 -28.58
CA ALA B 124 5.46 21.11 -28.33
C ALA B 124 3.97 21.00 -28.04
N LEU B 125 3.38 19.85 -28.33
CA LEU B 125 1.95 19.67 -28.08
C LEU B 125 1.64 18.78 -26.87
N ASN B 126 2.64 18.04 -26.41
CA ASN B 126 2.43 17.06 -25.32
C ASN B 126 1.83 17.58 -24.02
N ASP B 127 2.43 18.65 -23.48
CA ASP B 127 2.04 19.14 -22.16
C ASP B 127 0.56 19.50 -22.01
N ASN B 128 -0.02 20.16 -23.01
CA ASN B 128 -1.45 20.43 -23.01
C ASN B 128 -2.26 19.13 -22.97
N LEU B 129 -1.83 18.12 -23.71
CA LEU B 129 -2.59 16.88 -23.71
C LEU B 129 -2.37 16.12 -22.41
N GLU B 130 -1.15 16.16 -21.90
CA GLU B 130 -0.83 15.50 -20.65
C GLU B 130 -1.58 16.16 -19.50
N LYS B 131 -1.70 17.48 -19.55
CA LYS B 131 -2.42 18.19 -18.50
C LYS B 131 -3.87 17.74 -18.46
N GLY B 132 -4.48 17.58 -19.64
CA GLY B 132 -5.87 17.15 -19.72
C GLY B 132 -6.05 15.77 -19.13
N LEU B 133 -5.10 14.89 -19.41
CA LEU B 133 -5.14 13.55 -18.86
C LEU B 133 -5.00 13.62 -17.34
N LEU B 134 -4.05 14.42 -16.86
CA LEU B 134 -3.82 14.55 -15.42
C LEU B 134 -5.03 15.17 -14.73
N LYS B 135 -5.58 16.23 -15.31
CA LYS B 135 -6.76 16.88 -14.75
C LYS B 135 -7.92 15.88 -14.66
N ALA B 136 -8.05 15.02 -15.67
CA ALA B 136 -9.08 14.00 -15.65
C ALA B 136 -8.88 13.01 -14.50
N LEU B 137 -7.65 12.51 -14.37
CA LEU B 137 -7.32 11.57 -13.30
C LEU B 137 -7.54 12.23 -11.95
N LYS B 138 -7.17 13.50 -11.87
CA LYS B 138 -7.28 14.24 -10.63
C LYS B 138 -8.71 14.34 -10.14
N VAL B 139 -9.63 14.49 -11.09
CA VAL B 139 -11.05 14.58 -10.76
C VAL B 139 -11.59 13.24 -10.26
N LEU B 140 -11.16 12.17 -10.90
CA LEU B 140 -11.52 10.83 -10.45
C LEU B 140 -10.95 10.61 -9.05
N ASP B 141 -9.69 11.00 -8.86
CA ASP B 141 -9.07 10.89 -7.54
C ASP B 141 -9.91 11.55 -6.45
N ASN B 142 -10.27 12.82 -6.64
CA ASN B 142 -11.07 13.54 -5.62
C ASN B 142 -12.35 12.80 -5.34
N TYR B 143 -12.92 12.20 -6.38
CA TYR B 143 -14.15 11.46 -6.22
C TYR B 143 -13.94 10.21 -5.36
N LEU B 144 -12.78 9.59 -5.49
CA LEU B 144 -12.48 8.40 -4.70
C LEU B 144 -12.06 8.71 -3.25
N THR B 145 -11.52 9.90 -3.02
CA THR B 145 -11.03 10.29 -1.70
C THR B 145 -12.14 10.87 -0.80
N SER B 146 -13.16 11.43 -1.43
CA SER B 146 -14.28 12.02 -0.70
C SER B 146 -15.40 10.99 -0.48
N PRO B 147 -15.83 10.83 0.77
CA PRO B 147 -16.90 9.88 1.11
C PRO B 147 -18.00 9.71 0.05
N ARG B 165 -13.53 3.59 1.14
CA ARG B 165 -14.22 2.53 0.39
C ARG B 165 -13.30 1.91 -0.67
N LYS B 166 -13.60 0.67 -1.06
CA LYS B 166 -12.76 -0.08 -1.99
C LYS B 166 -12.90 0.35 -3.45
N PHE B 167 -14.11 0.75 -3.83
CA PHE B 167 -14.37 1.00 -5.24
C PHE B 167 -15.15 2.29 -5.49
N LEU B 168 -15.62 2.46 -6.73
CA LEU B 168 -16.28 3.69 -7.12
C LEU B 168 -17.49 4.02 -6.25
N ASP B 169 -18.33 3.01 -6.02
CA ASP B 169 -19.62 3.17 -5.34
C ASP B 169 -19.77 2.24 -4.11
N GLY B 170 -18.85 2.34 -3.17
CA GLY B 170 -18.92 1.50 -2.00
C GLY B 170 -17.85 0.42 -2.02
N ASN B 171 -18.01 -0.58 -1.17
CA ASN B 171 -17.02 -1.64 -1.07
C ASN B 171 -17.42 -2.93 -1.81
N GLU B 172 -18.17 -2.83 -2.90
CA GLU B 172 -18.69 -4.06 -3.53
C GLU B 172 -18.26 -4.39 -4.96
N LEU B 173 -18.22 -3.37 -5.83
CA LEU B 173 -17.89 -3.50 -7.25
C LEU B 173 -19.20 -3.45 -7.99
N THR B 174 -19.38 -2.40 -8.79
CA THR B 174 -20.61 -2.20 -9.50
C THR B 174 -20.37 -2.17 -11.00
N LEU B 175 -21.45 -1.96 -11.73
CA LEU B 175 -21.34 -1.86 -13.18
C LEU B 175 -20.39 -0.74 -13.52
N ALA B 176 -20.37 0.26 -12.65
CA ALA B 176 -19.52 1.42 -12.84
C ALA B 176 -18.06 0.98 -12.92
N ASP B 177 -17.64 0.12 -11.98
CA ASP B 177 -16.26 -0.39 -11.97
C ASP B 177 -15.95 -1.31 -13.14
N CYS B 178 -16.96 -2.04 -13.62
CA CYS B 178 -16.78 -2.95 -14.75
C CYS B 178 -16.46 -2.18 -16.02
N ASN B 179 -17.02 -0.98 -16.11
CA ASN B 179 -16.75 -0.10 -17.22
C ASN B 179 -15.37 0.56 -17.10
N LEU B 180 -15.10 1.11 -15.92
CA LEU B 180 -13.89 1.89 -15.68
C LEU B 180 -12.57 1.11 -15.59
N LEU B 181 -12.55 0.04 -14.79
CA LEU B 181 -11.31 -0.68 -14.56
C LEU B 181 -10.55 -1.14 -15.81
N PRO B 182 -11.22 -1.78 -16.76
CA PRO B 182 -10.50 -2.22 -17.96
C PRO B 182 -9.85 -1.05 -18.69
N LYS B 183 -10.53 0.09 -18.72
CA LYS B 183 -9.97 1.25 -19.40
C LYS B 183 -8.79 1.83 -18.64
N LEU B 184 -8.94 1.98 -17.34
CA LEU B 184 -7.86 2.53 -16.52
C LEU B 184 -6.63 1.63 -16.58
N HIS B 185 -6.89 0.33 -16.61
CA HIS B 185 -5.79 -0.61 -16.65
C HIS B 185 -5.00 -0.47 -17.94
N ILE B 186 -5.69 -0.17 -19.04
CA ILE B 186 -5.02 0.04 -20.33
C ILE B 186 -4.21 1.33 -20.28
N VAL B 187 -4.79 2.35 -19.66
CA VAL B 187 -4.07 3.61 -19.53
C VAL B 187 -2.77 3.34 -18.78
N GLN B 188 -2.84 2.62 -17.67
CA GLN B 188 -1.65 2.32 -16.86
C GLN B 188 -0.55 1.63 -17.68
N VAL B 189 -0.92 0.54 -18.33
CA VAL B 189 0.05 -0.28 -19.05
C VAL B 189 0.69 0.45 -20.20
N VAL B 190 -0.14 1.09 -21.01
CA VAL B 190 0.34 1.76 -22.21
C VAL B 190 1.18 3.00 -21.87
N CYS B 191 0.72 3.84 -20.96
CA CYS B 191 1.50 5.02 -20.61
C CYS B 191 2.87 4.64 -20.04
N LYS B 192 2.90 3.57 -19.25
CA LYS B 192 4.19 3.18 -18.65
C LYS B 192 5.12 2.75 -19.74
N LYS B 193 4.64 1.84 -20.58
CA LYS B 193 5.45 1.31 -21.65
C LYS B 193 5.93 2.36 -22.64
N TYR B 194 5.01 3.14 -23.19
CA TYR B 194 5.40 4.06 -24.27
C TYR B 194 5.82 5.47 -23.87
N ARG B 195 5.67 5.83 -22.60
CA ARG B 195 6.03 7.17 -22.13
C ARG B 195 6.76 7.20 -20.79
N GLY B 196 6.87 6.06 -20.11
CA GLY B 196 7.46 6.09 -18.77
C GLY B 196 6.61 7.02 -17.90
N PHE B 197 5.33 7.11 -18.20
CA PHE B 197 4.41 7.94 -17.41
C PHE B 197 3.68 7.04 -16.46
N THR B 198 3.67 7.41 -15.18
CA THR B 198 2.96 6.63 -14.19
C THR B 198 1.90 7.53 -13.53
N ILE B 199 0.79 6.96 -13.12
CA ILE B 199 -0.23 7.74 -12.41
C ILE B 199 0.38 8.33 -11.15
N PRO B 200 0.36 9.65 -10.99
CA PRO B 200 1.00 10.28 -9.83
C PRO B 200 0.71 9.59 -8.50
N GLU B 201 1.75 9.39 -7.69
CA GLU B 201 1.58 8.75 -6.39
C GLU B 201 0.67 9.58 -5.47
N ALA B 202 0.55 10.87 -5.78
CA ALA B 202 -0.26 11.75 -4.94
C ALA B 202 -1.73 11.38 -5.10
N PHE B 203 -2.07 10.76 -6.23
CA PHE B 203 -3.44 10.32 -6.45
C PHE B 203 -3.67 8.99 -5.73
N ARG B 204 -3.72 9.07 -4.42
CA ARG B 204 -3.81 7.90 -3.56
C ARG B 204 -5.09 7.13 -3.69
N GLY B 205 -6.16 7.83 -4.05
CA GLY B 205 -7.44 7.20 -4.27
C GLY B 205 -7.34 6.35 -5.52
N VAL B 206 -6.84 6.93 -6.60
CA VAL B 206 -6.69 6.19 -7.85
C VAL B 206 -5.86 4.94 -7.60
N HIS B 207 -4.73 5.10 -6.91
CA HIS B 207 -3.90 3.94 -6.60
C HIS B 207 -4.56 2.91 -5.70
N ARG B 208 -5.25 3.36 -4.65
CA ARG B 208 -5.92 2.39 -3.80
C ARG B 208 -6.99 1.69 -4.60
N TYR B 209 -7.71 2.43 -5.42
CA TYR B 209 -8.75 1.85 -6.25
C TYR B 209 -8.18 0.72 -7.12
N LEU B 210 -7.10 1.00 -7.83
CA LEU B 210 -6.47 0.03 -8.71
C LEU B 210 -5.89 -1.15 -7.93
N SER B 211 -5.33 -0.86 -6.75
CA SER B 211 -4.77 -1.90 -5.93
C SER B 211 -5.87 -2.88 -5.52
N ASN B 212 -6.97 -2.35 -5.02
CA ASN B 212 -8.13 -3.14 -4.60
C ASN B 212 -8.67 -4.04 -5.75
N ALA B 213 -8.65 -3.51 -6.97
CA ALA B 213 -9.13 -4.29 -8.12
C ALA B 213 -8.20 -5.44 -8.49
N TYR B 214 -6.91 -5.18 -8.52
CA TYR B 214 -5.95 -6.22 -8.91
C TYR B 214 -5.97 -7.36 -7.90
N ALA B 215 -6.45 -7.09 -6.69
CA ALA B 215 -6.59 -8.12 -5.67
C ALA B 215 -7.83 -8.98 -5.93
N ARG B 216 -8.76 -8.47 -6.74
CA ARG B 216 -9.97 -9.22 -7.07
C ARG B 216 -9.80 -10.00 -8.36
N GLU B 217 -9.97 -11.31 -8.30
CA GLU B 217 -9.80 -12.16 -9.46
C GLU B 217 -10.70 -11.77 -10.63
N GLU B 218 -11.91 -11.30 -10.32
CA GLU B 218 -12.85 -10.89 -11.37
C GLU B 218 -12.20 -9.89 -12.31
N PHE B 219 -11.31 -9.07 -11.78
CA PHE B 219 -10.62 -8.09 -12.58
C PHE B 219 -9.28 -8.66 -13.04
N ALA B 220 -8.54 -9.25 -12.09
CA ALA B 220 -7.21 -9.79 -12.40
C ALA B 220 -7.20 -10.85 -13.50
N SER B 221 -8.09 -11.83 -13.40
CA SER B 221 -8.14 -12.89 -14.40
C SER B 221 -8.85 -12.53 -15.69
N THR B 222 -9.33 -11.30 -15.82
CA THR B 222 -9.96 -10.91 -17.07
C THR B 222 -9.10 -9.92 -17.83
N CYS B 223 -8.02 -9.45 -17.22
CA CYS B 223 -7.08 -8.58 -17.92
C CYS B 223 -6.33 -9.41 -18.94
N PRO B 224 -6.19 -8.91 -20.15
CA PRO B 224 -5.28 -9.55 -21.10
C PRO B 224 -3.87 -9.29 -20.58
N ASP B 225 -2.93 -10.15 -20.96
CA ASP B 225 -1.54 -10.03 -20.57
C ASP B 225 -0.97 -8.66 -21.00
N ASP B 226 -0.04 -8.14 -20.23
CA ASP B 226 0.58 -6.86 -20.54
C ASP B 226 1.09 -6.76 -21.97
N GLU B 227 1.71 -7.82 -22.47
CA GLU B 227 2.27 -7.83 -23.84
C GLU B 227 1.18 -7.61 -24.88
N GLU B 228 0.07 -8.31 -24.69
CA GLU B 228 -1.03 -8.18 -25.62
C GLU B 228 -1.51 -6.74 -25.69
N ILE B 229 -1.67 -6.09 -24.55
CA ILE B 229 -2.12 -4.72 -24.54
C ILE B 229 -1.04 -3.84 -25.17
N GLU B 230 0.22 -4.10 -24.85
CA GLU B 230 1.32 -3.30 -25.39
C GLU B 230 1.38 -3.45 -26.88
N LEU B 231 1.22 -4.69 -27.33
CA LEU B 231 1.22 -5.03 -28.73
C LEU B 231 0.07 -4.34 -29.43
N ALA B 232 -1.08 -4.31 -28.75
CA ALA B 232 -2.26 -3.68 -29.31
C ALA B 232 -2.01 -2.23 -29.64
N TYR B 233 -1.12 -1.58 -28.89
CA TYR B 233 -0.86 -0.15 -29.07
C TYR B 233 0.39 0.15 -29.88
N GLU B 234 0.96 -0.89 -30.46
CA GLU B 234 2.21 -0.78 -31.19
C GLU B 234 2.19 0.15 -32.40
N GLN B 235 1.06 0.17 -33.11
CA GLN B 235 0.90 1.06 -34.24
C GLN B 235 0.03 2.26 -33.85
N VAL B 236 -0.27 2.38 -32.56
CA VAL B 236 -1.12 3.47 -32.07
C VAL B 236 -0.39 4.52 -31.22
N ALA B 237 0.37 4.05 -30.23
CA ALA B 237 1.09 4.95 -29.34
C ALA B 237 2.35 5.48 -30.04
N LYS B 238 2.66 6.75 -29.85
CA LYS B 238 3.83 7.35 -30.47
C LYS B 238 4.76 8.04 -29.45
N ALA B 239 6.07 7.92 -29.64
CA ALA B 239 7.00 8.63 -28.76
C ALA B 239 7.05 10.06 -29.26
N LEU B 240 7.40 10.98 -28.38
CA LEU B 240 7.58 12.38 -28.77
C LEU B 240 8.82 12.47 -29.65
N LYS B 241 8.65 12.98 -30.86
CA LYS B 241 9.74 13.13 -31.82
C LYS B 241 10.04 14.60 -32.07
#